data_4HOS
#
_entry.id   4HOS
#
_cell.length_a   54.475
_cell.length_b   84.939
_cell.length_c   60.928
_cell.angle_alpha   90.00
_cell.angle_beta   106.75
_cell.angle_gamma   90.00
#
_symmetry.space_group_name_H-M   'P 1 21 1'
#
loop_
_entity.id
_entity.type
_entity.pdbx_description
1 polymer 'Interferon-induced protein with tetratricopeptide repeats 5'
2 polymer "RNA (5'-R(*(UTP)P*UP*UP*U)-3')"
3 non-polymer 'SODIUM ION'
4 water water
#
loop_
_entity_poly.entity_id
_entity_poly.type
_entity_poly.pdbx_seq_one_letter_code
_entity_poly.pdbx_strand_id
1 'polypeptide(L)'
;MSEIRKDTLKAILLELECHFTWNLLKEDIDLFEVEDTIGQQLEFLTTKSRLALYNLLAYVKHLKGQNKDALECLEQAEEI
IQQEHSDKEEVRSLVTWGNYAWVYYHMDQLEEAQKYTGKIGNVCKKLSSPSNYKLECPETDCEKGWALLKFGGKYYQKAK
AAFEKALEVEPDNPEFNIGYAITVYRLDDSDREGSVKSFSLGPLRKAVTLNPDNSYIKVFLALKLQDVHAEAEGEKYIEE
ILDQISSQPYVLRYAAKFYRRKNSWNKALELLKKALEVTPTSSFLHHQMGLCYRAQMIQIKKATHNRPKGKDKLKVDELI
SSAIFHFKAAMERDSMFAFAYTDLANMYAEGGQYSNAEDIFRKALRLENITDDHKHQIHYHYGRFQEFHRKSENTAIHHY
LEALKVKDRSPLRTKLTSALKKLSTKRLCHNALDVQSLSALGFVYKLEGEKRQAAEYYEKAQKIDPENAEFLTALCELRL
SI
;
A
2 'polyribonucleotide' (UTP)UUU X
#
# COMPACT_ATOMS: atom_id res chain seq x y z
N MET A 1 24.82 -6.95 -33.02
CA MET A 1 25.62 -5.73 -32.92
C MET A 1 27.10 -6.08 -32.96
N SER A 2 27.78 -5.74 -31.88
CA SER A 2 29.22 -5.78 -31.74
C SER A 2 29.43 -5.41 -30.29
N GLU A 3 30.49 -5.89 -29.67
CA GLU A 3 30.78 -5.50 -28.30
C GLU A 3 31.41 -4.11 -28.25
N ILE A 4 30.98 -3.32 -27.26
CA ILE A 4 31.41 -1.92 -27.05
C ILE A 4 30.63 -0.86 -27.83
N ARG A 5 29.88 -1.28 -28.84
CA ARG A 5 28.75 -0.49 -29.29
C ARG A 5 27.63 -0.86 -28.34
N LYS A 6 27.70 -2.12 -27.91
CA LYS A 6 26.81 -2.70 -26.90
C LYS A 6 27.11 -2.13 -25.52
N ASP A 7 28.39 -2.19 -25.13
CA ASP A 7 28.82 -1.75 -23.81
C ASP A 7 28.59 -0.26 -23.60
N THR A 8 28.56 0.50 -24.69
CA THR A 8 28.24 1.92 -24.65
C THR A 8 26.73 2.10 -24.53
N LEU A 9 25.98 1.26 -25.25
CA LEU A 9 24.52 1.31 -25.26
C LEU A 9 23.96 1.07 -23.86
N LYS A 10 24.56 0.12 -23.15
CA LYS A 10 24.13 -0.24 -21.81
C LYS A 10 24.32 0.94 -20.86
N ALA A 11 25.39 1.70 -21.10
CA ALA A 11 25.66 2.91 -20.33
C ALA A 11 24.59 3.97 -20.59
N ILE A 12 24.25 4.18 -21.86
CA ILE A 12 23.21 5.14 -22.22
C ILE A 12 21.87 4.76 -21.61
N LEU A 13 21.51 3.48 -21.72
CA LEU A 13 20.26 2.97 -21.19
C LEU A 13 20.07 3.37 -19.73
N LEU A 14 21.15 3.34 -18.98
CA LEU A 14 21.08 3.68 -17.55
C LEU A 14 20.91 5.18 -17.32
N GLU A 15 21.20 5.99 -18.33
CA GLU A 15 21.06 7.45 -18.23
C GLU A 15 19.64 7.94 -18.56
N LEU A 16 18.84 7.09 -19.19
CA LEU A 16 17.49 7.46 -19.57
C LEU A 16 16.61 7.74 -18.35
N GLU A 17 15.56 8.54 -18.57
CA GLU A 17 14.47 8.64 -17.60
C GLU A 17 13.28 7.86 -18.15
N CYS A 18 13.02 6.70 -17.56
CA CYS A 18 11.88 5.87 -17.91
C CYS A 18 11.75 4.80 -16.85
N HIS A 19 10.73 3.95 -16.98
CA HIS A 19 10.39 2.99 -15.93
C HIS A 19 11.55 2.08 -15.55
N PHE A 20 12.35 1.68 -16.52
CA PHE A 20 13.48 0.80 -16.28
C PHE A 20 14.57 1.44 -15.42
N THR A 21 14.57 2.76 -15.30
CA THR A 21 15.57 3.41 -14.46
C THR A 21 14.97 4.01 -13.19
N TRP A 22 13.71 3.69 -12.89
CA TRP A 22 13.07 4.29 -11.72
C TRP A 22 13.03 3.35 -10.52
N ASN A 23 13.76 2.24 -10.62
CA ASN A 23 13.89 1.30 -9.51
C ASN A 23 12.53 0.77 -9.04
N LEU A 24 11.71 0.42 -10.01
CA LEU A 24 10.40 -0.18 -9.78
C LEU A 24 10.56 -1.71 -9.73
N LEU A 25 10.63 -2.27 -8.53
CA LEU A 25 10.98 -3.69 -8.39
C LEU A 25 9.75 -4.60 -8.46
N LYS A 26 9.80 -5.61 -9.32
CA LYS A 26 8.66 -6.51 -9.48
C LYS A 26 8.27 -7.27 -8.22
N GLU A 27 9.21 -7.50 -7.32
CA GLU A 27 8.92 -8.26 -6.10
C GLU A 27 8.01 -7.50 -5.15
N ASP A 28 7.87 -6.19 -5.37
CA ASP A 28 7.05 -5.37 -4.48
C ASP A 28 5.57 -5.35 -4.86
N ILE A 29 5.22 -5.96 -5.98
CA ILE A 29 3.82 -5.97 -6.41
C ILE A 29 3.35 -7.36 -6.84
N ASP A 30 2.04 -7.52 -6.93
CA ASP A 30 1.45 -8.66 -7.60
C ASP A 30 1.31 -8.22 -9.06
N LEU A 31 2.15 -8.78 -9.94
CA LEU A 31 2.16 -8.41 -11.35
C LEU A 31 0.81 -8.57 -12.06
N PHE A 32 0.08 -9.62 -11.71
CA PHE A 32 -1.21 -9.86 -12.36
C PHE A 32 -2.23 -8.81 -11.93
N GLU A 33 -2.22 -8.49 -10.64
CA GLU A 33 -3.10 -7.45 -10.11
C GLU A 33 -2.79 -6.10 -10.73
N VAL A 34 -1.49 -5.77 -10.78
CA VAL A 34 -1.09 -4.48 -11.34
C VAL A 34 -1.44 -4.40 -12.81
N GLU A 35 -1.14 -5.46 -13.55
CA GLU A 35 -1.51 -5.53 -14.96
C GLU A 35 -3.00 -5.36 -15.16
N ASP A 36 -3.78 -6.10 -14.37
CA ASP A 36 -5.24 -6.09 -14.50
C ASP A 36 -5.85 -4.72 -14.19
N THR A 37 -5.40 -4.11 -13.10
CA THR A 37 -5.95 -2.83 -12.67
C THR A 37 -5.54 -1.68 -13.57
N ILE A 38 -4.36 -1.77 -14.19
CA ILE A 38 -3.99 -0.76 -15.17
C ILE A 38 -5.02 -0.76 -16.30
N GLY A 39 -5.35 -1.95 -16.79
CA GLY A 39 -6.38 -2.12 -17.79
C GLY A 39 -7.74 -1.58 -17.34
N GLN A 40 -8.11 -1.85 -16.09
CA GLN A 40 -9.35 -1.32 -15.53
C GLN A 40 -9.36 0.22 -15.48
N GLN A 41 -8.22 0.82 -15.21
CA GLN A 41 -8.16 2.28 -15.15
C GLN A 41 -8.25 2.90 -16.54
N LEU A 42 -7.64 2.24 -17.52
CA LEU A 42 -7.77 2.69 -18.90
C LEU A 42 -9.22 2.74 -19.32
N GLU A 43 -10.01 1.81 -18.80
CA GLU A 43 -11.43 1.76 -19.15
C GLU A 43 -12.29 2.62 -18.24
N PHE A 44 -11.95 2.68 -16.95
CA PHE A 44 -12.92 3.21 -15.97
C PHE A 44 -12.45 4.41 -15.15
N LEU A 45 -11.22 4.84 -15.36
CA LEU A 45 -10.71 6.05 -14.72
C LEU A 45 -10.19 6.95 -15.83
N THR A 46 -11.12 7.46 -16.64
CA THR A 46 -10.79 8.07 -17.92
C THR A 46 -10.11 9.43 -17.80
N THR A 47 -10.05 9.97 -16.58
CA THR A 47 -9.34 11.22 -16.34
C THR A 47 -7.84 11.01 -16.12
N LYS A 48 -7.41 9.77 -15.93
CA LYS A 48 -5.99 9.47 -15.77
C LYS A 48 -5.28 9.31 -17.11
N SER A 49 -4.07 9.86 -17.22
CA SER A 49 -3.36 9.90 -18.50
C SER A 49 -3.21 8.53 -19.14
N ARG A 50 -3.81 8.36 -20.32
CA ARG A 50 -3.72 7.10 -21.07
C ARG A 50 -2.28 6.84 -21.48
N LEU A 51 -1.56 7.92 -21.81
CA LEU A 51 -0.16 7.76 -22.21
C LEU A 51 0.67 7.15 -21.08
N ALA A 52 0.54 7.68 -19.88
CA ALA A 52 1.25 7.17 -18.71
C ALA A 52 0.84 5.73 -18.40
N LEU A 53 -0.44 5.46 -18.49
CA LEU A 53 -0.94 4.11 -18.23
C LEU A 53 -0.39 3.07 -19.20
N TYR A 54 -0.34 3.39 -20.49
CA TYR A 54 0.23 2.45 -21.45
C TYR A 54 1.74 2.28 -21.31
N ASN A 55 2.46 3.35 -20.98
CA ASN A 55 3.90 3.24 -20.74
C ASN A 55 4.15 2.28 -19.57
N LEU A 56 3.31 2.41 -18.53
CA LEU A 56 3.44 1.63 -17.30
C LEU A 56 3.07 0.18 -17.54
N LEU A 57 2.00 -0.03 -18.29
CA LEU A 57 1.55 -1.38 -18.65
C LEU A 57 2.62 -2.10 -19.44
N ALA A 58 3.27 -1.38 -20.34
CA ALA A 58 4.35 -1.94 -21.15
C ALA A 58 5.45 -2.46 -20.23
N TYR A 59 5.81 -1.66 -19.22
CA TYR A 59 6.85 -2.05 -18.28
C TYR A 59 6.43 -3.30 -17.53
N VAL A 60 5.18 -3.35 -17.13
CA VAL A 60 4.63 -4.46 -16.36
C VAL A 60 4.63 -5.74 -17.22
N LYS A 61 4.25 -5.59 -18.49
CA LYS A 61 4.28 -6.73 -19.42
C LYS A 61 5.70 -7.28 -19.50
N HIS A 62 6.68 -6.38 -19.67
CA HIS A 62 8.07 -6.80 -19.66
C HIS A 62 8.40 -7.57 -18.37
N LEU A 63 7.91 -7.09 -17.23
CA LEU A 63 8.20 -7.77 -15.97
C LEU A 63 7.65 -9.20 -15.93
N LYS A 64 6.58 -9.45 -16.69
CA LYS A 64 5.98 -10.78 -16.80
C LYS A 64 6.65 -11.64 -17.86
N GLY A 65 7.73 -11.14 -18.44
CA GLY A 65 8.43 -11.84 -19.49
C GLY A 65 7.76 -11.72 -20.85
N GLN A 66 6.85 -10.77 -20.99
CA GLN A 66 6.10 -10.63 -22.24
C GLN A 66 6.56 -9.41 -23.02
N ASN A 67 7.78 -9.45 -23.53
CA ASN A 67 8.36 -8.29 -24.19
C ASN A 67 7.63 -7.93 -25.48
N LYS A 68 7.15 -8.96 -26.17
CA LYS A 68 6.39 -8.76 -27.41
C LYS A 68 5.12 -7.94 -27.12
N ASP A 69 4.48 -8.22 -26.00
CA ASP A 69 3.28 -7.48 -25.62
C ASP A 69 3.65 -6.09 -25.12
N ALA A 70 4.82 -5.96 -24.51
CA ALA A 70 5.29 -4.66 -24.05
C ALA A 70 5.38 -3.71 -25.24
N LEU A 71 5.88 -4.23 -26.36
CA LEU A 71 6.00 -3.43 -27.59
C LEU A 71 4.65 -2.92 -28.08
N GLU A 72 3.63 -3.78 -28.02
CA GLU A 72 2.29 -3.41 -28.49
C GLU A 72 1.72 -2.30 -27.62
N CYS A 73 2.00 -2.37 -26.33
CA CYS A 73 1.59 -1.31 -25.42
C CYS A 73 2.27 0.02 -25.79
N LEU A 74 3.57 -0.05 -26.11
CA LEU A 74 4.31 1.17 -26.47
C LEU A 74 3.87 1.73 -27.82
N GLU A 75 3.40 0.86 -28.71
CA GLU A 75 2.79 1.30 -29.95
C GLU A 75 1.49 2.05 -29.65
N GLN A 76 0.70 1.54 -28.72
CA GLN A 76 -0.51 2.21 -28.29
C GLN A 76 -0.15 3.58 -27.71
N ALA A 77 0.93 3.62 -26.94
CA ALA A 77 1.45 4.86 -26.40
C ALA A 77 1.73 5.86 -27.53
N GLU A 78 2.38 5.38 -28.58
CA GLU A 78 2.72 6.25 -29.71
C GLU A 78 1.47 6.79 -30.39
N GLU A 79 0.42 5.98 -30.47
CA GLU A 79 -0.84 6.45 -31.04
C GLU A 79 -1.46 7.54 -30.18
N ILE A 80 -1.36 7.37 -28.86
CA ILE A 80 -1.90 8.36 -27.94
C ILE A 80 -1.13 9.68 -28.02
N ILE A 81 0.19 9.60 -28.22
CA ILE A 81 1.00 10.78 -28.45
C ILE A 81 0.51 11.58 -29.67
N GLN A 82 0.09 10.91 -30.72
CA GLN A 82 -0.50 11.62 -31.87
C GLN A 82 -1.90 12.13 -31.54
N GLN A 83 -2.67 11.32 -30.82
CA GLN A 83 -4.03 11.68 -30.46
C GLN A 83 -4.10 12.90 -29.56
N GLU A 84 -3.34 12.86 -28.48
CA GLU A 84 -3.52 13.83 -27.39
C GLU A 84 -2.32 14.76 -27.18
N HIS A 85 -1.19 14.45 -27.79
CA HIS A 85 0.03 15.24 -27.53
C HIS A 85 0.73 15.65 -28.82
N SER A 86 -0.06 15.91 -29.85
CA SER A 86 0.49 16.18 -31.17
C SER A 86 1.42 17.40 -31.19
N ASP A 87 1.02 18.47 -30.51
CA ASP A 87 1.78 19.71 -30.50
C ASP A 87 3.15 19.55 -29.81
N LYS A 88 3.26 18.54 -28.95
CA LYS A 88 4.47 18.30 -28.17
C LYS A 88 4.96 16.87 -28.40
N GLU A 89 4.89 16.43 -29.64
CA GLU A 89 5.14 15.04 -30.02
C GLU A 89 6.48 14.52 -29.51
N GLU A 90 7.54 15.30 -29.72
CA GLU A 90 8.89 14.85 -29.40
C GLU A 90 9.17 14.74 -27.91
N VAL A 91 8.91 15.81 -27.17
CA VAL A 91 9.17 15.82 -25.74
C VAL A 91 8.28 14.80 -24.99
N ARG A 92 7.07 14.58 -25.51
CA ARG A 92 6.14 13.60 -24.90
C ARG A 92 6.48 12.16 -25.24
N SER A 93 7.48 11.96 -26.11
CA SER A 93 7.83 10.62 -26.56
C SER A 93 9.00 10.01 -25.80
N LEU A 94 9.68 10.82 -25.00
CA LEU A 94 10.92 10.39 -24.37
C LEU A 94 10.80 9.15 -23.51
N VAL A 95 9.79 9.10 -22.64
CA VAL A 95 9.61 7.94 -21.77
C VAL A 95 9.28 6.70 -22.62
N THR A 96 8.36 6.86 -23.56
CA THR A 96 7.99 5.77 -24.45
C THR A 96 9.21 5.26 -25.24
N TRP A 97 10.01 6.19 -25.75
CA TRP A 97 11.20 5.83 -26.48
C TRP A 97 12.21 5.13 -25.58
N GLY A 98 12.32 5.60 -24.34
CA GLY A 98 13.20 4.98 -23.37
C GLY A 98 12.81 3.54 -23.09
N ASN A 99 11.53 3.33 -22.84
CA ASN A 99 11.02 1.97 -22.63
C ASN A 99 11.27 1.08 -23.85
N TYR A 100 11.07 1.64 -25.05
CA TYR A 100 11.35 0.93 -26.29
C TYR A 100 12.80 0.46 -26.33
N ALA A 101 13.71 1.37 -26.01
CA ALA A 101 15.14 1.05 -26.06
C ALA A 101 15.45 -0.12 -25.13
N TRP A 102 14.92 -0.07 -23.91
CA TRP A 102 15.18 -1.10 -22.91
C TRP A 102 14.55 -2.44 -23.29
N VAL A 103 13.31 -2.39 -23.78
CA VAL A 103 12.64 -3.62 -24.20
C VAL A 103 13.36 -4.27 -25.38
N TYR A 104 13.75 -3.48 -26.38
CA TYR A 104 14.51 -4.04 -27.50
C TYR A 104 15.85 -4.57 -27.01
N TYR A 105 16.42 -3.91 -26.01
CA TYR A 105 17.65 -4.38 -25.39
C TYR A 105 17.45 -5.77 -24.79
N HIS A 106 16.38 -5.94 -24.01
CA HIS A 106 16.10 -7.23 -23.38
C HIS A 106 15.77 -8.34 -24.39
N MET A 107 15.29 -7.95 -25.58
CA MET A 107 15.00 -8.91 -26.64
C MET A 107 16.23 -9.15 -27.51
N ASP A 108 17.35 -8.56 -27.09
CA ASP A 108 18.63 -8.67 -27.81
C ASP A 108 18.59 -8.03 -29.20
N GLN A 109 17.72 -7.04 -29.38
CA GLN A 109 17.70 -6.29 -30.63
C GLN A 109 18.40 -4.96 -30.41
N LEU A 110 19.73 -5.03 -30.32
CA LEU A 110 20.55 -3.91 -29.89
C LEU A 110 20.54 -2.75 -30.89
N GLU A 111 20.56 -3.10 -32.16
CA GLU A 111 20.52 -2.10 -33.23
C GLU A 111 19.23 -1.29 -33.12
N GLU A 112 18.13 -1.98 -32.90
CA GLU A 112 16.83 -1.34 -32.76
C GLU A 112 16.83 -0.44 -31.53
N ALA A 113 17.43 -0.92 -30.45
CA ALA A 113 17.51 -0.16 -29.20
C ALA A 113 18.31 1.13 -29.39
N GLN A 114 19.39 1.05 -30.17
CA GLN A 114 20.26 2.21 -30.40
C GLN A 114 19.52 3.29 -31.19
N LYS A 115 18.61 2.87 -32.05
CA LYS A 115 17.79 3.82 -32.80
C LYS A 115 17.01 4.71 -31.84
N TYR A 116 16.47 4.09 -30.79
CA TYR A 116 15.65 4.84 -29.85
C TYR A 116 16.46 5.78 -28.96
N THR A 117 17.63 5.35 -28.54
CA THR A 117 18.49 6.22 -27.74
C THR A 117 18.93 7.41 -28.59
N GLY A 118 19.15 7.16 -29.88
CA GLY A 118 19.52 8.21 -30.81
C GLY A 118 18.46 9.29 -30.92
N LYS A 119 17.20 8.88 -31.01
CA LYS A 119 16.08 9.81 -31.10
C LYS A 119 15.96 10.63 -29.80
N ILE A 120 16.20 9.96 -28.69
CA ILE A 120 16.19 10.61 -27.39
C ILE A 120 17.31 11.63 -27.26
N GLY A 121 18.54 11.22 -27.57
CA GLY A 121 19.68 12.12 -27.51
C GLY A 121 19.45 13.32 -28.41
N ASN A 122 18.80 13.09 -29.55
CA ASN A 122 18.46 14.17 -30.48
C ASN A 122 17.53 15.21 -29.87
N VAL A 123 16.44 14.73 -29.28
CA VAL A 123 15.44 15.64 -28.72
C VAL A 123 16.01 16.43 -27.54
N CYS A 124 16.75 15.75 -26.66
CA CYS A 124 17.40 16.43 -25.54
C CYS A 124 18.33 17.55 -25.99
N LYS A 125 19.10 17.30 -27.04
CA LYS A 125 20.01 18.31 -27.57
C LYS A 125 19.21 19.51 -28.11
N LYS A 126 18.19 19.23 -28.93
CA LYS A 126 17.33 20.28 -29.47
C LYS A 126 16.78 21.17 -28.36
N LEU A 127 16.47 20.57 -27.22
CA LEU A 127 15.80 21.28 -26.13
C LEU A 127 16.77 21.82 -25.07
N SER A 128 18.05 21.90 -25.43
CA SER A 128 19.07 22.50 -24.55
C SER A 128 19.14 21.83 -23.19
N SER A 129 19.01 20.50 -23.17
CA SER A 129 19.13 19.77 -21.92
C SER A 129 20.57 19.75 -21.46
N PRO A 130 20.79 19.93 -20.15
CA PRO A 130 22.14 19.81 -19.58
C PRO A 130 22.62 18.36 -19.57
N SER A 131 21.71 17.40 -19.75
CA SER A 131 22.08 15.99 -19.84
C SER A 131 21.97 15.48 -21.27
N ASN A 132 22.74 14.45 -21.60
CA ASN A 132 22.75 13.93 -22.97
C ASN A 132 21.51 13.13 -23.36
N TYR A 133 21.02 12.28 -22.46
CA TYR A 133 19.93 11.37 -22.80
C TYR A 133 18.71 11.45 -21.89
N LYS A 134 18.59 12.57 -21.19
CA LYS A 134 17.39 12.83 -20.40
C LYS A 134 17.13 14.33 -20.33
N LEU A 135 15.91 14.68 -19.96
CA LEU A 135 15.45 16.05 -19.99
C LEU A 135 14.57 16.28 -18.79
N GLU A 136 14.87 17.29 -17.99
CA GLU A 136 14.02 17.61 -16.85
C GLU A 136 12.69 18.14 -17.35
N CYS A 137 11.61 17.56 -16.84
CA CYS A 137 10.28 17.78 -17.37
C CYS A 137 9.25 17.53 -16.27
N PRO A 138 8.40 18.52 -16.00
CA PRO A 138 7.34 18.39 -15.00
C PRO A 138 6.43 17.21 -15.33
N GLU A 139 6.08 17.06 -16.61
CA GLU A 139 5.23 15.97 -17.07
C GLU A 139 5.81 14.61 -16.74
N THR A 140 7.12 14.47 -16.92
CA THR A 140 7.79 13.22 -16.61
C THR A 140 7.82 12.98 -15.10
N ASP A 141 8.05 14.05 -14.34
CA ASP A 141 8.04 13.92 -12.88
C ASP A 141 6.70 13.39 -12.40
N CYS A 142 5.62 13.88 -13.02
CA CYS A 142 4.27 13.46 -12.69
C CYS A 142 4.05 11.97 -13.03
N GLU A 143 4.48 11.58 -14.23
CA GLU A 143 4.33 10.19 -14.66
C GLU A 143 5.07 9.27 -13.69
N LYS A 144 6.27 9.68 -13.31
CA LYS A 144 7.10 8.92 -12.39
C LYS A 144 6.40 8.79 -11.04
N GLY A 145 5.83 9.90 -10.57
CA GLY A 145 5.05 9.90 -9.35
C GLY A 145 3.98 8.82 -9.32
N TRP A 146 3.21 8.73 -10.40
CA TRP A 146 2.14 7.74 -10.47
C TRP A 146 2.68 6.32 -10.58
N ALA A 147 3.80 6.16 -11.30
CA ALA A 147 4.42 4.85 -11.44
C ALA A 147 4.92 4.37 -10.08
N LEU A 148 5.53 5.28 -9.33
CA LEU A 148 5.96 4.99 -7.97
C LEU A 148 4.79 4.59 -7.06
N LEU A 149 3.73 5.39 -7.08
CA LEU A 149 2.55 5.07 -6.28
C LEU A 149 2.06 3.65 -6.55
N LYS A 150 2.07 3.24 -7.82
CA LYS A 150 1.52 1.94 -8.21
C LYS A 150 2.36 0.80 -7.67
N PHE A 151 3.63 1.05 -7.39
CA PHE A 151 4.49 0.00 -6.86
C PHE A 151 4.39 -0.17 -5.34
N GLY A 152 3.52 0.61 -4.70
CA GLY A 152 3.12 0.34 -3.33
C GLY A 152 3.71 1.22 -2.25
N GLY A 153 3.33 0.95 -1.00
CA GLY A 153 3.66 1.79 0.14
C GLY A 153 5.14 2.10 0.38
N LYS A 154 6.03 1.23 -0.07
CA LYS A 154 7.47 1.50 0.05
C LYS A 154 7.93 2.69 -0.79
N TYR A 155 7.14 3.06 -1.80
CA TYR A 155 7.52 4.10 -2.76
C TYR A 155 6.83 5.44 -2.52
N TYR A 156 5.95 5.50 -1.52
CA TYR A 156 5.11 6.68 -1.33
C TYR A 156 5.92 7.97 -1.07
N GLN A 157 6.99 7.88 -0.30
CA GLN A 157 7.82 9.05 -0.07
C GLN A 157 8.49 9.50 -1.36
N LYS A 158 8.98 8.54 -2.13
CA LYS A 158 9.60 8.86 -3.41
C LYS A 158 8.58 9.47 -4.37
N ALA A 159 7.36 8.96 -4.32
CA ALA A 159 6.28 9.51 -5.15
C ALA A 159 6.00 10.98 -4.77
N LYS A 160 5.95 11.27 -3.47
CA LYS A 160 5.69 12.61 -3.00
C LYS A 160 6.75 13.58 -3.52
N ALA A 161 8.01 13.17 -3.43
CA ALA A 161 9.11 13.98 -3.91
C ALA A 161 9.00 14.23 -5.41
N ALA A 162 8.60 13.20 -6.16
CA ALA A 162 8.41 13.32 -7.60
C ALA A 162 7.32 14.35 -7.96
N PHE A 163 6.18 14.28 -7.29
CA PHE A 163 5.13 15.27 -7.52
C PHE A 163 5.57 16.66 -7.07
N GLU A 164 6.31 16.73 -5.96
CA GLU A 164 6.84 18.01 -5.48
C GLU A 164 7.73 18.65 -6.53
N LYS A 165 8.54 17.82 -7.19
CA LYS A 165 9.44 18.30 -8.24
C LYS A 165 8.64 18.92 -9.39
N ALA A 166 7.50 18.31 -9.73
CA ALA A 166 6.65 18.82 -10.79
C ALA A 166 5.97 20.13 -10.39
N LEU A 167 5.46 20.18 -9.16
CA LEU A 167 4.82 21.40 -8.63
C LEU A 167 5.79 22.57 -8.44
N GLU A 168 7.09 22.27 -8.30
CA GLU A 168 8.08 23.33 -8.22
C GLU A 168 8.08 24.14 -9.51
N VAL A 169 7.85 23.46 -10.63
CA VAL A 169 7.76 24.13 -11.93
C VAL A 169 6.38 24.74 -12.15
N GLU A 170 5.33 23.94 -11.98
CA GLU A 170 3.97 24.43 -12.18
C GLU A 170 3.12 24.16 -10.94
N PRO A 171 3.19 25.06 -9.94
CA PRO A 171 2.48 24.87 -8.69
C PRO A 171 0.95 24.78 -8.83
N ASP A 172 0.41 25.35 -9.90
CA ASP A 172 -1.04 25.37 -10.10
C ASP A 172 -1.54 24.44 -11.22
N ASN A 173 -0.69 23.52 -11.64
CA ASN A 173 -1.11 22.52 -12.63
C ASN A 173 -2.16 21.56 -12.05
N PRO A 174 -3.33 21.47 -12.70
CA PRO A 174 -4.42 20.62 -12.21
C PRO A 174 -4.02 19.15 -12.03
N GLU A 175 -3.39 18.58 -13.05
CA GLU A 175 -2.97 17.18 -12.95
C GLU A 175 -1.91 16.99 -11.86
N PHE A 176 -0.96 17.91 -11.74
CA PHE A 176 0.12 17.73 -10.78
C PHE A 176 -0.43 17.76 -9.36
N ASN A 177 -1.40 18.63 -9.13
CA ASN A 177 -2.01 18.76 -7.81
C ASN A 177 -2.81 17.54 -7.37
N ILE A 178 -3.52 16.93 -8.32
CA ILE A 178 -4.21 15.68 -8.04
C ILE A 178 -3.23 14.60 -7.54
N GLY A 179 -2.13 14.41 -8.26
CA GLY A 179 -1.15 13.40 -7.89
C GLY A 179 -0.56 13.64 -6.51
N TYR A 180 -0.14 14.88 -6.28
CA TYR A 180 0.43 15.28 -5.02
C TYR A 180 -0.55 15.04 -3.88
N ALA A 181 -1.76 15.60 -4.01
CA ALA A 181 -2.75 15.49 -2.95
C ALA A 181 -3.10 14.03 -2.63
N ILE A 182 -3.28 13.21 -3.65
CA ILE A 182 -3.53 11.79 -3.39
C ILE A 182 -2.36 11.11 -2.68
N THR A 183 -1.14 11.46 -3.07
CA THR A 183 0.04 10.90 -2.41
C THR A 183 0.05 11.30 -0.93
N VAL A 184 -0.16 12.58 -0.66
CA VAL A 184 -0.19 13.06 0.71
C VAL A 184 -1.37 12.41 1.46
N TYR A 185 -2.49 12.24 0.78
CA TYR A 185 -3.63 11.52 1.38
C TYR A 185 -3.25 10.11 1.86
N ARG A 186 -2.56 9.37 1.01
CA ARG A 186 -2.18 8.00 1.38
C ARG A 186 -1.16 8.02 2.51
N LEU A 187 -0.27 9.00 2.48
CA LEU A 187 0.74 9.12 3.54
C LEU A 187 0.11 9.49 4.88
N ASP A 188 -1.07 10.12 4.86
CA ASP A 188 -1.80 10.43 6.09
C ASP A 188 -2.22 9.15 6.80
N ASP A 189 -2.40 8.09 6.01
CA ASP A 189 -2.76 6.77 6.54
C ASP A 189 -1.56 5.83 6.68
N SER A 190 -0.42 6.21 6.10
CA SER A 190 0.80 5.39 6.14
C SER A 190 1.64 5.63 7.40
N ASP A 191 2.28 4.56 7.88
CA ASP A 191 3.25 4.62 8.98
C ASP A 191 2.84 5.57 10.08
N ARG A 192 1.62 5.40 10.59
CA ARG A 192 1.15 6.23 11.68
C ARG A 192 1.86 5.88 12.98
N GLU A 193 2.31 6.92 13.70
CA GLU A 193 2.91 6.74 15.01
C GLU A 193 1.79 6.82 16.06
N GLY A 194 0.70 7.40 15.59
CA GLY A 194 -0.44 7.71 16.43
C GLY A 194 -1.78 7.91 15.76
N SER A 195 -2.39 9.05 16.01
CA SER A 195 -3.73 9.34 15.49
C SER A 195 -3.74 9.77 14.03
N VAL A 196 -4.88 9.62 13.37
CA VAL A 196 -5.23 10.30 12.10
C VAL A 196 -4.46 11.53 11.76
N LYS A 197 -3.92 11.54 10.56
CA LYS A 197 -3.21 12.70 10.01
C LYS A 197 -4.07 13.38 8.94
N SER A 198 -3.96 14.70 8.82
CA SER A 198 -4.70 15.42 7.80
C SER A 198 -3.87 16.46 7.05
N PHE A 199 -2.61 16.14 6.79
CA PHE A 199 -1.77 17.02 5.98
C PHE A 199 -2.32 17.14 4.55
N SER A 200 -3.11 16.16 4.12
CA SER A 200 -3.66 16.19 2.76
C SER A 200 -4.86 17.12 2.59
N LEU A 201 -5.42 17.61 3.69
CA LEU A 201 -6.66 18.39 3.60
C LEU A 201 -6.50 19.63 2.71
N GLY A 202 -5.47 20.44 2.99
CA GLY A 202 -5.16 21.59 2.15
C GLY A 202 -4.91 21.25 0.69
N PRO A 203 -3.91 20.39 0.42
CA PRO A 203 -3.65 19.92 -0.94
C PRO A 203 -4.88 19.36 -1.64
N LEU A 204 -5.74 18.63 -0.93
CA LEU A 204 -6.98 18.13 -1.52
C LEU A 204 -7.92 19.26 -1.95
N ARG A 205 -8.11 20.25 -1.08
CA ARG A 205 -8.94 21.40 -1.43
CA ARG A 205 -8.95 21.39 -1.44
C ARG A 205 -8.43 22.09 -2.70
N LYS A 206 -7.12 22.25 -2.79
CA LYS A 206 -6.52 22.89 -3.96
C LYS A 206 -6.78 22.06 -5.21
N ALA A 207 -6.47 20.76 -5.12
CA ALA A 207 -6.64 19.84 -6.24
C ALA A 207 -8.07 19.86 -6.73
N VAL A 208 -9.02 19.87 -5.80
CA VAL A 208 -10.44 19.93 -6.15
C VAL A 208 -10.83 21.21 -6.87
N THR A 209 -10.36 22.36 -6.37
CA THR A 209 -10.63 23.65 -7.03
C THR A 209 -10.04 23.68 -8.44
N LEU A 210 -8.86 23.11 -8.60
CA LEU A 210 -8.21 23.09 -9.90
C LEU A 210 -8.81 22.07 -10.86
N ASN A 211 -9.64 21.17 -10.33
CA ASN A 211 -10.26 20.12 -11.14
C ASN A 211 -11.77 20.00 -10.87
N PRO A 212 -12.52 21.06 -11.20
CA PRO A 212 -13.92 21.17 -10.79
C PRO A 212 -14.85 20.07 -11.34
N ASP A 213 -14.47 19.42 -12.44
CA ASP A 213 -15.33 18.40 -13.01
C ASP A 213 -14.94 16.97 -12.61
N ASN A 214 -13.92 16.85 -11.75
CA ASN A 214 -13.33 15.55 -11.45
C ASN A 214 -13.87 14.95 -10.15
N SER A 215 -14.77 13.97 -10.25
CA SER A 215 -15.37 13.37 -9.07
C SER A 215 -14.41 12.45 -8.31
N TYR A 216 -13.39 11.95 -9.00
CA TYR A 216 -12.37 11.10 -8.38
C TYR A 216 -11.55 11.83 -7.30
N ILE A 217 -11.06 13.04 -7.61
CA ILE A 217 -10.29 13.77 -6.61
C ILE A 217 -11.22 14.22 -5.48
N LYS A 218 -12.46 14.54 -5.83
CA LYS A 218 -13.39 15.08 -4.85
C LYS A 218 -13.75 14.08 -3.76
N VAL A 219 -13.77 12.80 -4.09
CA VAL A 219 -14.16 11.79 -3.12
C VAL A 219 -13.13 11.65 -1.97
N PHE A 220 -11.86 11.95 -2.27
CA PHE A 220 -10.83 11.94 -1.23
C PHE A 220 -11.00 13.08 -0.25
N LEU A 221 -11.41 14.24 -0.77
CA LEU A 221 -11.68 15.40 0.06
C LEU A 221 -12.82 15.09 1.03
N ALA A 222 -13.86 14.45 0.51
CA ALA A 222 -14.98 14.05 1.35
C ALA A 222 -14.53 13.12 2.47
N LEU A 223 -13.66 12.16 2.13
CA LEU A 223 -13.17 11.20 3.11
C LEU A 223 -12.30 11.89 4.17
N LYS A 224 -11.48 12.84 3.74
CA LYS A 224 -10.63 13.58 4.66
C LYS A 224 -11.46 14.47 5.60
N LEU A 225 -12.53 15.06 5.08
CA LEU A 225 -13.43 15.84 5.92
C LEU A 225 -14.05 14.95 7.00
N GLN A 226 -14.42 13.75 6.60
CA GLN A 226 -14.91 12.75 7.55
C GLN A 226 -13.87 12.51 8.64
N ASP A 227 -12.62 12.34 8.23
CA ASP A 227 -11.53 12.08 9.17
C ASP A 227 -11.39 13.20 10.19
N VAL A 228 -11.65 14.42 9.77
CA VAL A 228 -11.43 15.55 10.67
C VAL A 228 -12.72 16.05 11.33
N HIS A 229 -13.72 15.18 11.38
CA HIS A 229 -14.97 15.45 12.11
C HIS A 229 -15.78 16.58 11.49
N ALA A 230 -15.71 16.67 10.17
CA ALA A 230 -16.59 17.52 9.40
C ALA A 230 -17.42 16.59 8.53
N GLU A 231 -17.97 15.54 9.15
CA GLU A 231 -18.65 14.49 8.42
C GLU A 231 -19.82 15.02 7.58
N ALA A 232 -20.57 15.98 8.13
CA ALA A 232 -21.70 16.57 7.40
C ALA A 232 -21.27 17.29 6.11
N GLU A 233 -20.16 18.01 6.16
CA GLU A 233 -19.63 18.68 4.97
C GLU A 233 -19.16 17.65 3.94
N GLY A 234 -18.38 16.68 4.40
CA GLY A 234 -17.94 15.61 3.51
C GLY A 234 -19.10 14.86 2.88
N GLU A 235 -20.17 14.61 3.64
CA GLU A 235 -21.29 13.83 3.13
C GLU A 235 -22.04 14.56 2.03
N LYS A 236 -22.09 15.88 2.13
CA LYS A 236 -22.70 16.68 1.08
C LYS A 236 -21.91 16.54 -0.21
N TYR A 237 -20.58 16.46 -0.09
CA TYR A 237 -19.76 16.25 -1.28
C TYR A 237 -20.08 14.89 -1.90
N ILE A 238 -20.22 13.88 -1.06
CA ILE A 238 -20.57 12.53 -1.52
C ILE A 238 -21.87 12.55 -2.30
N GLU A 239 -22.89 13.16 -1.71
CA GLU A 239 -24.19 13.29 -2.36
C GLU A 239 -24.09 13.99 -3.72
N GLU A 240 -23.30 15.06 -3.78
CA GLU A 240 -23.13 15.83 -5.00
C GLU A 240 -22.43 15.00 -6.07
N ILE A 241 -21.39 14.29 -5.66
CA ILE A 241 -20.68 13.36 -6.53
C ILE A 241 -21.61 12.28 -7.11
N LEU A 242 -22.46 11.71 -6.26
CA LEU A 242 -23.31 10.62 -6.68
C LEU A 242 -24.44 11.10 -7.58
N ASP A 243 -24.69 12.41 -7.55
CA ASP A 243 -25.63 13.04 -8.48
C ASP A 243 -24.98 13.26 -9.84
N GLN A 244 -23.67 13.51 -9.87
CA GLN A 244 -22.98 13.83 -11.11
C GLN A 244 -22.48 12.62 -11.89
N ILE A 245 -22.20 11.53 -11.21
CA ILE A 245 -21.71 10.35 -11.90
C ILE A 245 -22.57 9.13 -11.62
N SER A 246 -22.34 8.07 -12.39
CA SER A 246 -22.92 6.78 -12.08
C SER A 246 -21.96 5.68 -12.50
N SER A 247 -21.99 4.57 -11.77
CA SER A 247 -21.31 3.34 -12.16
C SER A 247 -19.79 3.38 -12.21
N GLN A 248 -19.19 4.48 -11.78
CA GLN A 248 -17.73 4.61 -11.83
C GLN A 248 -17.10 3.95 -10.62
N PRO A 249 -16.47 2.80 -10.81
CA PRO A 249 -15.98 2.02 -9.67
C PRO A 249 -14.94 2.76 -8.82
N TYR A 250 -14.10 3.57 -9.46
CA TYR A 250 -13.08 4.30 -8.71
C TYR A 250 -13.64 5.48 -7.93
N VAL A 251 -14.91 5.78 -8.14
CA VAL A 251 -15.58 6.80 -7.33
C VAL A 251 -16.50 6.12 -6.31
N LEU A 252 -17.31 5.19 -6.79
CA LEU A 252 -18.27 4.48 -5.92
C LEU A 252 -17.61 3.77 -4.75
N ARG A 253 -16.42 3.21 -4.96
CA ARG A 253 -15.80 2.40 -3.91
C ARG A 253 -15.40 3.26 -2.73
N TYR A 254 -15.08 4.52 -2.99
CA TYR A 254 -14.68 5.43 -1.92
C TYR A 254 -15.90 6.04 -1.24
N ALA A 255 -16.96 6.26 -2.02
CA ALA A 255 -18.24 6.66 -1.45
C ALA A 255 -18.71 5.57 -0.49
N ALA A 256 -18.46 4.32 -0.87
CA ALA A 256 -18.88 3.20 -0.05
C ALA A 256 -18.09 3.16 1.24
N LYS A 257 -16.79 3.45 1.17
CA LYS A 257 -15.98 3.57 2.39
C LYS A 257 -16.53 4.65 3.30
N PHE A 258 -16.90 5.79 2.71
CA PHE A 258 -17.47 6.90 3.48
C PHE A 258 -18.70 6.44 4.24
N TYR A 259 -19.64 5.82 3.51
CA TYR A 259 -20.86 5.35 4.13
C TYR A 259 -20.62 4.26 5.19
N ARG A 260 -19.70 3.33 4.93
CA ARG A 260 -19.38 2.31 5.93
C ARG A 260 -18.90 2.93 7.24
N ARG A 261 -18.03 3.93 7.14
CA ARG A 261 -17.46 4.54 8.34
C ARG A 261 -18.45 5.36 9.18
N LYS A 262 -19.62 5.66 8.62
CA LYS A 262 -20.71 6.15 9.47
C LYS A 262 -21.79 5.09 9.68
N ASN A 263 -21.41 3.82 9.50
CA ASN A 263 -22.26 2.67 9.81
C ASN A 263 -23.51 2.51 8.92
N SER A 264 -23.49 3.14 7.76
CA SER A 264 -24.54 2.97 6.75
C SER A 264 -24.15 1.81 5.87
N TRP A 265 -24.16 0.60 6.43
CA TRP A 265 -23.60 -0.55 5.77
C TRP A 265 -24.38 -0.98 4.54
N ASN A 266 -25.71 -0.85 4.58
CA ASN A 266 -26.51 -1.24 3.42
C ASN A 266 -26.28 -0.33 2.22
N LYS A 267 -26.10 0.96 2.48
CA LYS A 267 -25.76 1.91 1.42
C LYS A 267 -24.37 1.61 0.84
N ALA A 268 -23.42 1.33 1.73
CA ALA A 268 -22.07 0.96 1.30
C ALA A 268 -22.11 -0.27 0.40
N LEU A 269 -22.88 -1.27 0.81
CA LEU A 269 -22.97 -2.53 0.07
C LEU A 269 -23.62 -2.31 -1.29
N GLU A 270 -24.66 -1.46 -1.31
CA GLU A 270 -25.32 -1.07 -2.55
C GLU A 270 -24.31 -0.49 -3.54
N LEU A 271 -23.50 0.46 -3.07
CA LEU A 271 -22.53 1.12 -3.93
C LEU A 271 -21.47 0.13 -4.40
N LEU A 272 -20.99 -0.71 -3.49
CA LEU A 272 -19.97 -1.70 -3.80
C LEU A 272 -20.48 -2.69 -4.85
N LYS A 273 -21.71 -3.16 -4.67
CA LYS A 273 -22.29 -4.08 -5.65
C LYS A 273 -22.37 -3.44 -7.04
N LYS A 274 -22.72 -2.15 -7.09
CA LYS A 274 -22.77 -1.44 -8.37
C LYS A 274 -21.39 -1.41 -9.02
N ALA A 275 -20.37 -1.10 -8.23
CA ALA A 275 -19.00 -1.13 -8.74
C ALA A 275 -18.58 -2.54 -9.20
N LEU A 276 -19.02 -3.57 -8.49
CA LEU A 276 -18.66 -4.94 -8.86
C LEU A 276 -19.24 -5.40 -10.21
N GLU A 277 -20.36 -4.80 -10.63
CA GLU A 277 -20.94 -5.10 -11.93
C GLU A 277 -19.96 -4.71 -13.03
N VAL A 278 -19.21 -3.65 -12.75
CA VAL A 278 -18.26 -3.06 -13.67
C VAL A 278 -16.91 -3.79 -13.61
N THR A 279 -16.39 -3.97 -12.39
CA THR A 279 -15.12 -4.65 -12.19
C THR A 279 -15.20 -5.72 -11.09
N PRO A 280 -15.71 -6.91 -11.45
CA PRO A 280 -15.99 -7.99 -10.51
C PRO A 280 -14.78 -8.58 -9.80
N THR A 281 -13.58 -8.37 -10.32
CA THR A 281 -12.39 -8.97 -9.74
C THR A 281 -11.58 -8.04 -8.85
N SER A 282 -11.98 -6.79 -8.71
CA SER A 282 -11.22 -5.82 -7.91
C SER A 282 -11.02 -6.23 -6.45
N SER A 283 -9.75 -6.35 -6.04
CA SER A 283 -9.44 -6.68 -4.65
C SER A 283 -9.94 -5.63 -3.68
N PHE A 284 -9.87 -4.36 -4.10
CA PHE A 284 -10.37 -3.25 -3.29
C PHE A 284 -11.84 -3.49 -2.95
N LEU A 285 -12.66 -3.72 -3.97
CA LEU A 285 -14.11 -3.91 -3.78
C LEU A 285 -14.40 -5.11 -2.88
N HIS A 286 -13.71 -6.22 -3.12
CA HIS A 286 -13.91 -7.40 -2.30
C HIS A 286 -13.54 -7.15 -0.86
N HIS A 287 -12.42 -6.44 -0.63
CA HIS A 287 -12.04 -6.13 0.73
C HIS A 287 -13.12 -5.29 1.41
N GLN A 288 -13.62 -4.29 0.69
CA GLN A 288 -14.64 -3.40 1.24
C GLN A 288 -15.93 -4.16 1.59
N MET A 289 -16.31 -5.12 0.75
CA MET A 289 -17.49 -5.95 1.01
C MET A 289 -17.29 -6.70 2.33
N GLY A 290 -16.11 -7.29 2.49
CA GLY A 290 -15.76 -8.02 3.70
C GLY A 290 -15.91 -7.12 4.92
N LEU A 291 -15.34 -5.93 4.83
CA LEU A 291 -15.44 -4.96 5.91
C LEU A 291 -16.89 -4.67 6.30
N CYS A 292 -17.75 -4.51 5.31
CA CYS A 292 -19.16 -4.24 5.55
C CYS A 292 -19.82 -5.39 6.31
N TYR A 293 -19.62 -6.61 5.85
CA TYR A 293 -20.21 -7.78 6.50
C TYR A 293 -19.65 -7.95 7.92
N ARG A 294 -18.35 -7.69 8.07
CA ARG A 294 -17.73 -7.80 9.38
C ARG A 294 -18.38 -6.84 10.37
N ALA A 295 -18.59 -5.62 9.92
CA ALA A 295 -19.16 -4.58 10.79
C ALA A 295 -20.57 -4.95 11.23
N GLN A 296 -21.39 -5.38 10.27
CA GLN A 296 -22.74 -5.85 10.56
C GLN A 296 -22.70 -6.99 11.56
N MET A 297 -21.74 -7.90 11.38
CA MET A 297 -21.62 -9.06 12.27
C MET A 297 -21.28 -8.62 13.70
N ILE A 298 -20.33 -7.69 13.82
CA ILE A 298 -19.91 -7.17 15.11
C ILE A 298 -21.05 -6.46 15.84
N GLN A 299 -21.85 -5.71 15.11
CA GLN A 299 -22.98 -5.02 15.75
C GLN A 299 -23.94 -6.00 16.43
N ILE A 300 -24.19 -7.13 15.77
CA ILE A 300 -25.08 -8.14 16.31
C ILE A 300 -24.47 -8.80 17.54
N LYS A 301 -23.20 -9.18 17.44
CA LYS A 301 -22.48 -9.79 18.56
C LYS A 301 -22.51 -8.87 19.77
N LYS A 302 -22.32 -7.58 19.53
CA LYS A 302 -22.34 -6.59 20.61
C LYS A 302 -23.74 -6.46 21.22
N ALA A 303 -24.75 -6.41 20.37
CA ALA A 303 -26.13 -6.27 20.82
C ALA A 303 -26.55 -7.46 21.68
N THR A 304 -26.03 -8.64 21.37
CA THR A 304 -26.41 -9.86 22.07
C THR A 304 -25.31 -10.33 23.02
N HIS A 305 -24.46 -9.40 23.45
CA HIS A 305 -23.38 -9.66 24.40
C HIS A 305 -22.55 -10.90 24.06
N ASN A 306 -22.12 -10.98 22.81
CA ASN A 306 -21.32 -12.09 22.30
C ASN A 306 -21.96 -13.46 22.44
N ARG A 307 -23.26 -13.50 22.70
CA ARG A 307 -23.98 -14.76 22.74
C ARG A 307 -25.25 -14.72 21.89
N PRO A 308 -25.09 -14.50 20.57
CA PRO A 308 -26.28 -14.50 19.71
C PRO A 308 -26.95 -15.87 19.68
N LYS A 309 -28.28 -15.89 19.63
CA LYS A 309 -29.03 -17.13 19.58
C LYS A 309 -29.97 -17.14 18.40
N GLY A 310 -30.43 -18.33 18.01
CA GLY A 310 -31.42 -18.49 16.97
C GLY A 310 -31.05 -17.81 15.67
N LYS A 311 -31.91 -16.92 15.20
CA LYS A 311 -31.72 -16.29 13.90
C LYS A 311 -30.60 -15.26 13.93
N ASP A 312 -30.33 -14.69 15.09
CA ASP A 312 -29.17 -13.82 15.25
C ASP A 312 -27.90 -14.62 14.99
N LYS A 313 -27.90 -15.85 15.48
CA LYS A 313 -26.76 -16.75 15.31
C LYS A 313 -26.63 -17.18 13.85
N LEU A 314 -27.76 -17.49 13.22
CA LEU A 314 -27.78 -17.81 11.79
C LEU A 314 -27.22 -16.65 10.96
N LYS A 315 -27.59 -15.43 11.36
CA LYS A 315 -27.14 -14.24 10.65
C LYS A 315 -25.65 -13.99 10.84
N VAL A 316 -25.19 -14.10 12.09
CA VAL A 316 -23.76 -13.96 12.38
C VAL A 316 -22.95 -14.94 11.54
N ASP A 317 -23.36 -16.20 11.50
CA ASP A 317 -22.65 -17.21 10.73
C ASP A 317 -22.67 -16.94 9.21
N GLU A 318 -23.76 -16.37 8.70
CA GLU A 318 -23.80 -15.98 7.28
C GLU A 318 -22.82 -14.85 7.00
N LEU A 319 -22.79 -13.87 7.89
CA LEU A 319 -21.90 -12.73 7.73
C LEU A 319 -20.44 -13.15 7.80
N ILE A 320 -20.12 -14.06 8.72
CA ILE A 320 -18.77 -14.60 8.81
C ILE A 320 -18.41 -15.30 7.49
N SER A 321 -19.34 -16.12 7.01
CA SER A 321 -19.12 -16.82 5.76
C SER A 321 -18.92 -15.86 4.59
N SER A 322 -19.76 -14.83 4.52
CA SER A 322 -19.65 -13.82 3.46
C SER A 322 -18.38 -12.96 3.57
N ALA A 323 -17.97 -12.65 4.81
CA ALA A 323 -16.76 -11.85 4.98
C ALA A 323 -15.55 -12.65 4.53
N ILE A 324 -15.54 -13.93 4.89
CA ILE A 324 -14.48 -14.85 4.49
C ILE A 324 -14.37 -14.91 2.97
N PHE A 325 -15.51 -15.10 2.31
CA PHE A 325 -15.54 -15.20 0.86
C PHE A 325 -14.88 -13.98 0.21
N HIS A 326 -15.23 -12.79 0.68
CA HIS A 326 -14.71 -11.57 0.04
C HIS A 326 -13.26 -11.24 0.43
N PHE A 327 -12.90 -11.51 1.69
CA PHE A 327 -11.50 -11.33 2.10
C PHE A 327 -10.61 -12.29 1.32
N LYS A 328 -11.07 -13.54 1.19
CA LYS A 328 -10.33 -14.53 0.42
C LYS A 328 -10.17 -14.11 -1.04
N ALA A 329 -11.23 -13.58 -1.64
CA ALA A 329 -11.20 -13.09 -3.01
C ALA A 329 -10.21 -11.94 -3.18
N ALA A 330 -10.20 -11.01 -2.23
CA ALA A 330 -9.26 -9.92 -2.27
C ALA A 330 -7.82 -10.43 -2.22
N MET A 331 -7.56 -11.34 -1.29
CA MET A 331 -6.23 -11.91 -1.12
C MET A 331 -5.79 -12.66 -2.38
N GLU A 332 -6.72 -13.41 -2.96
CA GLU A 332 -6.43 -14.18 -4.17
C GLU A 332 -6.22 -13.32 -5.41
N ARG A 333 -6.76 -12.10 -5.39
CA ARG A 333 -6.56 -11.16 -6.49
C ARG A 333 -5.27 -10.34 -6.33
N ASP A 334 -4.82 -10.17 -5.09
CA ASP A 334 -3.65 -9.34 -4.85
C ASP A 334 -2.79 -9.94 -3.76
N SER A 335 -1.75 -10.67 -4.15
CA SER A 335 -0.91 -11.41 -3.20
C SER A 335 -0.10 -10.49 -2.29
N MET A 336 -0.04 -9.20 -2.61
CA MET A 336 0.70 -8.26 -1.78
C MET A 336 -0.21 -7.44 -0.84
N PHE A 337 -1.51 -7.78 -0.82
CA PHE A 337 -2.51 -7.02 -0.07
C PHE A 337 -2.55 -7.50 1.38
N ALA A 338 -1.63 -6.98 2.21
CA ALA A 338 -1.41 -7.48 3.56
C ALA A 338 -2.68 -7.54 4.40
N PHE A 339 -3.49 -6.48 4.36
CA PHE A 339 -4.68 -6.42 5.19
C PHE A 339 -5.73 -7.42 4.79
N ALA A 340 -5.72 -7.84 3.54
CA ALA A 340 -6.63 -8.88 3.10
C ALA A 340 -6.31 -10.21 3.79
N TYR A 341 -5.03 -10.53 3.91
CA TYR A 341 -4.61 -11.72 4.66
C TYR A 341 -5.07 -11.64 6.12
N THR A 342 -4.74 -10.55 6.79
CA THR A 342 -4.99 -10.46 8.22
C THR A 342 -6.49 -10.42 8.50
N ASP A 343 -7.24 -9.78 7.60
CA ASP A 343 -8.68 -9.67 7.79
C ASP A 343 -9.33 -11.05 7.53
N LEU A 344 -8.85 -11.74 6.50
CA LEU A 344 -9.31 -13.12 6.26
C LEU A 344 -8.95 -14.05 7.43
N ALA A 345 -7.69 -14.04 7.85
CA ALA A 345 -7.25 -14.89 8.96
C ALA A 345 -8.05 -14.62 10.23
N ASN A 346 -8.24 -13.34 10.55
CA ASN A 346 -9.00 -12.98 11.76
C ASN A 346 -10.44 -13.46 11.67
N MET A 347 -11.03 -13.41 10.48
CA MET A 347 -12.40 -13.87 10.34
C MET A 347 -12.48 -15.39 10.45
N TYR A 348 -11.52 -16.09 9.86
CA TYR A 348 -11.40 -17.54 10.05
C TYR A 348 -11.36 -17.87 11.54
N ALA A 349 -10.52 -17.13 12.27
CA ALA A 349 -10.38 -17.34 13.71
C ALA A 349 -11.72 -17.13 14.39
N GLU A 350 -12.40 -16.05 14.01
CA GLU A 350 -13.69 -15.71 14.59
C GLU A 350 -14.67 -16.88 14.40
N GLY A 351 -14.57 -17.54 13.26
CA GLY A 351 -15.44 -18.65 12.95
C GLY A 351 -14.93 -19.99 13.42
N GLY A 352 -13.88 -19.99 14.24
CA GLY A 352 -13.32 -21.24 14.77
C GLY A 352 -12.63 -22.11 13.74
N GLN A 353 -12.34 -21.56 12.56
CA GLN A 353 -11.57 -22.28 11.55
C GLN A 353 -10.08 -22.04 11.76
N TYR A 354 -9.52 -22.65 12.80
CA TYR A 354 -8.16 -22.37 13.23
C TYR A 354 -7.10 -22.84 12.22
N SER A 355 -7.33 -23.98 11.59
CA SER A 355 -6.42 -24.47 10.57
C SER A 355 -6.35 -23.48 9.40
N ASN A 356 -7.50 -22.96 9.01
CA ASN A 356 -7.56 -21.99 7.92
C ASN A 356 -6.89 -20.66 8.30
N ALA A 357 -7.13 -20.20 9.53
CA ALA A 357 -6.53 -18.96 10.00
C ALA A 357 -5.02 -19.08 10.08
N GLU A 358 -4.54 -20.21 10.59
CA GLU A 358 -3.11 -20.47 10.71
C GLU A 358 -2.44 -20.46 9.34
N ASP A 359 -3.08 -21.11 8.37
CA ASP A 359 -2.58 -21.16 7.00
C ASP A 359 -2.37 -19.75 6.42
N ILE A 360 -3.36 -18.89 6.62
CA ILE A 360 -3.31 -17.52 6.12
C ILE A 360 -2.28 -16.68 6.88
N PHE A 361 -2.27 -16.83 8.21
CA PHE A 361 -1.32 -16.11 9.05
C PHE A 361 0.12 -16.46 8.67
N ARG A 362 0.36 -17.75 8.42
CA ARG A 362 1.67 -18.25 7.98
C ARG A 362 2.12 -17.52 6.71
N LYS A 363 1.23 -17.49 5.71
CA LYS A 363 1.55 -16.82 4.46
C LYS A 363 1.84 -15.35 4.70
N ALA A 364 1.02 -14.72 5.53
CA ALA A 364 1.17 -13.30 5.79
C ALA A 364 2.51 -12.99 6.47
N LEU A 365 2.94 -13.87 7.38
CA LEU A 365 4.19 -13.68 8.11
C LEU A 365 5.40 -13.87 7.20
N ARG A 366 5.21 -14.55 6.07
CA ARG A 366 6.29 -14.75 5.11
C ARG A 366 6.34 -13.72 3.97
N LEU A 367 5.44 -12.74 3.98
CA LEU A 367 5.54 -11.64 3.01
C LEU A 367 6.76 -10.76 3.33
N GLU A 368 7.78 -10.85 2.50
CA GLU A 368 9.01 -10.11 2.75
C GLU A 368 8.93 -8.66 2.28
N ASN A 369 8.27 -8.43 1.15
CA ASN A 369 8.40 -7.16 0.45
C ASN A 369 7.27 -6.16 0.69
N ILE A 370 6.63 -6.26 1.85
CA ILE A 370 5.66 -5.25 2.28
C ILE A 370 6.34 -4.30 3.26
N THR A 371 5.65 -3.24 3.64
CA THR A 371 6.24 -2.22 4.52
C THR A 371 6.40 -2.76 5.94
N ASP A 372 7.35 -2.18 6.69
CA ASP A 372 7.52 -2.54 8.09
C ASP A 372 6.22 -2.31 8.87
N ASP A 373 5.47 -1.28 8.52
CA ASP A 373 4.21 -1.03 9.21
C ASP A 373 3.28 -2.23 9.09
N HIS A 374 3.17 -2.78 7.88
CA HIS A 374 2.29 -3.91 7.66
C HIS A 374 2.79 -5.17 8.36
N LYS A 375 4.10 -5.40 8.30
CA LYS A 375 4.71 -6.52 9.03
C LYS A 375 4.40 -6.42 10.53
N HIS A 376 4.44 -5.20 11.04
CA HIS A 376 4.16 -4.87 12.43
C HIS A 376 2.74 -5.30 12.82
N GLN A 377 1.78 -4.97 11.96
CA GLN A 377 0.39 -5.27 12.24
C GLN A 377 0.11 -6.77 12.10
N ILE A 378 0.76 -7.41 11.14
CA ILE A 378 0.62 -8.85 11.00
C ILE A 378 1.08 -9.56 12.29
N HIS A 379 2.25 -9.16 12.81
CA HIS A 379 2.75 -9.78 14.06
C HIS A 379 1.77 -9.55 15.20
N TYR A 380 1.24 -8.34 15.29
CA TYR A 380 0.26 -8.01 16.32
C TYR A 380 -0.96 -8.95 16.23
N HIS A 381 -1.54 -9.07 15.03
CA HIS A 381 -2.74 -9.89 14.87
C HIS A 381 -2.51 -11.39 15.07
N TYR A 382 -1.36 -11.89 14.63
CA TYR A 382 -1.02 -13.29 14.89
C TYR A 382 -0.84 -13.49 16.40
N GLY A 383 -0.22 -12.51 17.06
CA GLY A 383 -0.03 -12.54 18.49
C GLY A 383 -1.32 -12.70 19.26
N ARG A 384 -2.30 -11.85 18.92
CA ARG A 384 -3.61 -11.91 19.54
C ARG A 384 -4.32 -13.24 19.29
N PHE A 385 -4.20 -13.75 18.07
CA PHE A 385 -4.77 -15.05 17.73
C PHE A 385 -4.15 -16.13 18.62
N GLN A 386 -2.85 -16.07 18.83
CA GLN A 386 -2.16 -17.04 19.67
C GLN A 386 -2.62 -16.91 21.12
N GLU A 387 -2.68 -15.67 21.60
CA GLU A 387 -3.12 -15.40 22.97
C GLU A 387 -4.56 -15.83 23.24
N PHE A 388 -5.50 -15.37 22.44
CA PHE A 388 -6.91 -15.55 22.77
C PHE A 388 -7.60 -16.78 22.17
N HIS A 389 -7.13 -17.23 21.01
CA HIS A 389 -7.71 -18.44 20.43
C HIS A 389 -6.89 -19.70 20.72
N ARG A 390 -5.57 -19.64 20.54
CA ARG A 390 -4.74 -20.82 20.80
C ARG A 390 -4.38 -20.99 22.27
N LYS A 391 -4.52 -19.90 23.05
CA LYS A 391 -4.08 -19.87 24.44
C LYS A 391 -2.61 -20.28 24.55
N SER A 392 -1.80 -19.82 23.60
CA SER A 392 -0.38 -20.10 23.58
C SER A 392 0.40 -18.83 23.91
N GLU A 393 0.61 -18.62 25.21
CA GLU A 393 1.16 -17.37 25.74
C GLU A 393 2.59 -17.08 25.28
N ASN A 394 3.39 -18.13 25.13
CA ASN A 394 4.76 -17.91 24.68
C ASN A 394 4.87 -17.58 23.19
N THR A 395 3.95 -18.10 22.39
CA THR A 395 3.92 -17.74 20.97
C THR A 395 3.43 -16.31 20.84
N ALA A 396 2.43 -15.94 21.64
CA ALA A 396 1.93 -14.58 21.65
C ALA A 396 3.05 -13.63 22.04
N ILE A 397 3.73 -13.93 23.14
CA ILE A 397 4.83 -13.08 23.60
C ILE A 397 5.86 -12.90 22.50
N HIS A 398 6.20 -13.99 21.83
CA HIS A 398 7.16 -13.92 20.74
C HIS A 398 6.72 -12.90 19.67
N HIS A 399 5.48 -13.02 19.23
CA HIS A 399 5.02 -12.16 18.13
C HIS A 399 4.73 -10.72 18.57
N TYR A 400 4.33 -10.52 19.81
CA TYR A 400 4.18 -9.15 20.32
C TYR A 400 5.56 -8.46 20.30
N LEU A 401 6.60 -9.19 20.69
CA LEU A 401 7.96 -8.67 20.66
C LEU A 401 8.41 -8.37 19.23
N GLU A 402 8.20 -9.32 18.32
CA GLU A 402 8.51 -9.09 16.91
C GLU A 402 7.82 -7.83 16.37
N ALA A 403 6.58 -7.60 16.79
CA ALA A 403 5.84 -6.43 16.33
C ALA A 403 6.56 -5.14 16.73
N LEU A 404 6.94 -5.05 18.00
CA LEU A 404 7.63 -3.88 18.52
C LEU A 404 9.03 -3.70 17.93
N LYS A 405 9.71 -4.80 17.63
CA LYS A 405 11.05 -4.76 17.03
C LYS A 405 11.00 -4.16 15.62
N VAL A 406 9.95 -4.49 14.88
CA VAL A 406 9.79 -3.98 13.53
C VAL A 406 9.35 -2.51 13.53
N LYS A 407 8.40 -2.17 14.40
CA LYS A 407 7.95 -0.78 14.52
C LYS A 407 7.58 -0.49 15.97
N ASP A 408 8.31 0.43 16.62
CA ASP A 408 8.10 0.61 18.06
C ASP A 408 7.27 1.82 18.44
N ARG A 409 6.93 2.62 17.44
CA ARG A 409 5.97 3.70 17.63
C ARG A 409 4.85 3.57 16.61
N SER A 410 3.65 3.27 17.09
CA SER A 410 2.49 3.04 16.25
C SER A 410 1.28 3.11 17.17
N PRO A 411 0.07 3.16 16.60
CA PRO A 411 -1.10 3.12 17.48
C PRO A 411 -1.30 1.80 18.23
N LEU A 412 -0.49 0.77 17.94
CA LEU A 412 -0.57 -0.50 18.68
C LEU A 412 0.47 -0.60 19.82
N ARG A 413 1.32 0.41 19.95
CA ARG A 413 2.45 0.33 20.88
C ARG A 413 2.04 -0.04 22.31
N THR A 414 1.10 0.71 22.87
CA THR A 414 0.66 0.47 24.25
C THR A 414 -0.13 -0.83 24.43
N LYS A 415 -0.86 -1.25 23.40
CA LYS A 415 -1.52 -2.55 23.44
C LYS A 415 -0.45 -3.64 23.50
N LEU A 416 0.64 -3.43 22.78
CA LEU A 416 1.73 -4.40 22.73
C LEU A 416 2.51 -4.46 24.05
N THR A 417 2.92 -3.31 24.57
CA THR A 417 3.68 -3.30 25.82
C THR A 417 2.84 -3.80 26.99
N SER A 418 1.57 -3.40 27.02
CA SER A 418 0.71 -3.79 28.13
C SER A 418 0.38 -5.29 28.13
N ALA A 419 0.17 -5.86 26.95
CA ALA A 419 -0.04 -7.30 26.84
C ALA A 419 1.21 -8.09 27.23
N LEU A 420 2.38 -7.58 26.84
CA LEU A 420 3.65 -8.24 27.17
C LEU A 420 3.85 -8.24 28.68
N LYS A 421 3.63 -7.09 29.30
CA LYS A 421 3.73 -6.97 30.75
C LYS A 421 2.81 -7.93 31.47
N LYS A 422 1.55 -7.98 31.03
CA LYS A 422 0.56 -8.84 31.66
C LYS A 422 0.99 -10.31 31.56
N LEU A 423 1.26 -10.75 30.35
CA LEU A 423 1.65 -12.13 30.11
C LEU A 423 2.96 -12.51 30.80
N SER A 424 3.97 -11.65 30.72
CA SER A 424 5.28 -12.00 31.29
C SER A 424 5.21 -12.08 32.80
N THR A 425 4.42 -11.20 33.41
CA THR A 425 4.23 -11.18 34.85
C THR A 425 3.53 -12.44 35.32
N LYS A 426 2.48 -12.83 34.60
CA LYS A 426 1.73 -14.04 34.93
C LYS A 426 2.65 -15.26 34.90
N ARG A 427 3.41 -15.39 33.82
CA ARG A 427 4.29 -16.55 33.66
C ARG A 427 5.40 -16.56 34.71
N LEU A 428 5.88 -15.38 35.09
CA LEU A 428 6.92 -15.29 36.12
C LEU A 428 6.41 -15.61 37.52
N CYS A 429 5.11 -15.45 37.75
CA CYS A 429 4.50 -15.90 39.00
C CYS A 429 4.55 -17.42 39.08
N HIS A 430 4.43 -18.08 37.95
CA HIS A 430 4.47 -19.55 37.93
C HIS A 430 5.91 -20.06 37.95
N ASN A 431 6.79 -19.37 37.24
CA ASN A 431 8.19 -19.77 37.11
C ASN A 431 9.10 -18.54 37.06
N ALA A 432 9.74 -18.26 38.19
CA ALA A 432 10.57 -17.06 38.32
C ALA A 432 11.77 -17.08 37.36
N LEU A 433 12.07 -18.24 36.81
CA LEU A 433 13.24 -18.41 35.96
C LEU A 433 12.87 -18.46 34.48
N ASP A 434 11.64 -18.11 34.15
CA ASP A 434 11.20 -18.14 32.74
C ASP A 434 11.95 -17.10 31.91
N VAL A 435 12.90 -17.57 31.10
CA VAL A 435 13.82 -16.64 30.42
C VAL A 435 13.11 -15.75 29.39
N GLN A 436 12.16 -16.31 28.66
CA GLN A 436 11.46 -15.53 27.65
C GLN A 436 10.75 -14.33 28.27
N SER A 437 10.10 -14.58 29.41
CA SER A 437 9.36 -13.55 30.10
C SER A 437 10.28 -12.51 30.73
N LEU A 438 11.40 -12.94 31.28
CA LEU A 438 12.39 -12.00 31.83
C LEU A 438 12.90 -11.08 30.71
N SER A 439 13.24 -11.70 29.60
CA SER A 439 13.72 -11.02 28.40
C SER A 439 12.68 -10.05 27.85
N ALA A 440 11.41 -10.47 27.84
CA ALA A 440 10.33 -9.61 27.35
C ALA A 440 10.19 -8.36 28.20
N LEU A 441 10.25 -8.52 29.53
CA LEU A 441 10.14 -7.38 30.42
C LEU A 441 11.34 -6.45 30.27
N GLY A 442 12.53 -7.03 30.14
CA GLY A 442 13.72 -6.26 29.82
C GLY A 442 13.50 -5.42 28.57
N PHE A 443 12.96 -6.04 27.51
CA PHE A 443 12.73 -5.33 26.26
C PHE A 443 11.73 -4.17 26.42
N VAL A 444 10.63 -4.43 27.12
CA VAL A 444 9.59 -3.42 27.26
C VAL A 444 10.07 -2.23 28.07
N TYR A 445 10.74 -2.50 29.20
CA TYR A 445 11.28 -1.41 30.03
C TYR A 445 12.34 -0.60 29.30
N LYS A 446 13.17 -1.28 28.52
CA LYS A 446 14.15 -0.60 27.67
C LYS A 446 13.44 0.39 26.74
N LEU A 447 12.37 -0.11 26.12
CA LEU A 447 11.55 0.65 25.20
C LEU A 447 10.90 1.86 25.89
N GLU A 448 10.49 1.68 27.14
CA GLU A 448 9.87 2.75 27.91
C GLU A 448 10.88 3.73 28.53
N GLY A 449 12.17 3.48 28.30
CA GLY A 449 13.21 4.36 28.82
C GLY A 449 13.59 4.11 30.27
N GLU A 450 13.12 3.01 30.85
CA GLU A 450 13.49 2.63 32.20
C GLU A 450 14.76 1.78 32.14
N LYS A 451 15.88 2.44 31.88
CA LYS A 451 17.17 1.78 31.67
C LYS A 451 17.55 0.84 32.81
N ARG A 452 17.41 1.33 34.04
CA ARG A 452 17.87 0.54 35.18
C ARG A 452 17.05 -0.73 35.36
N GLN A 453 15.72 -0.59 35.30
CA GLN A 453 14.83 -1.75 35.46
C GLN A 453 15.01 -2.73 34.32
N ALA A 454 15.23 -2.22 33.12
CA ALA A 454 15.45 -3.06 31.96
C ALA A 454 16.72 -3.89 32.20
N ALA A 455 17.78 -3.22 32.63
CA ALA A 455 19.06 -3.89 32.89
C ALA A 455 18.90 -5.00 33.92
N GLU A 456 18.08 -4.75 34.93
CA GLU A 456 17.83 -5.76 35.97
C GLU A 456 17.18 -7.01 35.38
N TYR A 457 16.16 -6.85 34.54
CA TYR A 457 15.56 -8.01 33.88
C TYR A 457 16.53 -8.74 32.96
N TYR A 458 17.30 -8.00 32.16
CA TYR A 458 18.25 -8.63 31.25
C TYR A 458 19.36 -9.35 32.02
N GLU A 459 19.72 -8.81 33.19
CA GLU A 459 20.71 -9.46 34.03
C GLU A 459 20.16 -10.76 34.60
N LYS A 460 18.89 -10.78 34.97
CA LYS A 460 18.27 -12.02 35.44
C LYS A 460 18.20 -13.06 34.33
N ALA A 461 17.93 -12.61 33.11
CA ALA A 461 17.85 -13.52 31.97
C ALA A 461 19.24 -14.05 31.60
N GLN A 462 20.23 -13.16 31.68
CA GLN A 462 21.60 -13.51 31.35
C GLN A 462 22.20 -14.44 32.40
N LYS A 463 21.78 -14.28 33.65
CA LYS A 463 22.22 -15.17 34.74
C LYS A 463 21.87 -16.62 34.40
N ILE A 464 20.68 -16.81 33.82
CA ILE A 464 20.20 -18.13 33.44
C ILE A 464 20.78 -18.61 32.10
N ASP A 465 20.95 -17.68 31.17
CA ASP A 465 21.46 -18.00 29.84
C ASP A 465 22.63 -17.06 29.54
N PRO A 466 23.79 -17.35 30.16
CA PRO A 466 24.93 -16.44 30.19
C PRO A 466 25.54 -16.14 28.83
N GLU A 467 25.45 -17.06 27.89
CA GLU A 467 26.07 -16.87 26.59
C GLU A 467 25.13 -16.23 25.58
N ASN A 468 23.93 -15.86 26.03
CA ASN A 468 22.95 -15.30 25.13
C ASN A 468 23.38 -13.98 24.50
N ALA A 469 23.45 -13.98 23.17
CA ALA A 469 23.99 -12.85 22.42
C ALA A 469 23.04 -11.65 22.42
N GLU A 470 21.74 -11.90 22.39
CA GLU A 470 20.75 -10.81 22.45
C GLU A 470 20.86 -10.07 23.79
N PHE A 471 21.09 -10.81 24.87
CA PHE A 471 21.09 -10.22 26.20
C PHE A 471 22.37 -9.39 26.42
N LEU A 472 23.48 -9.87 25.86
CA LEU A 472 24.75 -9.16 25.91
C LEU A 472 24.68 -7.83 25.15
N THR A 473 24.09 -7.86 23.96
CA THR A 473 23.90 -6.67 23.15
C THR A 473 22.98 -5.64 23.81
N ALA A 474 21.85 -6.12 24.34
CA ALA A 474 20.93 -5.24 25.04
C ALA A 474 21.62 -4.55 26.20
N LEU A 475 22.34 -5.31 27.01
CA LEU A 475 23.06 -4.74 28.15
C LEU A 475 24.13 -3.71 27.74
N CYS A 476 24.84 -3.98 26.65
CA CYS A 476 25.81 -3.02 26.12
C CYS A 476 25.11 -1.73 25.70
N GLU A 477 24.03 -1.88 24.94
CA GLU A 477 23.24 -0.74 24.51
C GLU A 477 22.78 0.10 25.69
N LEU A 478 22.32 -0.59 26.74
CA LEU A 478 21.87 0.08 27.95
C LEU A 478 22.99 0.83 28.67
N ARG A 479 24.20 0.27 28.66
CA ARG A 479 25.33 0.90 29.33
C ARG A 479 25.84 2.10 28.55
N LEU A 480 25.68 2.05 27.22
CA LEU A 480 26.27 3.07 26.35
C LEU A 480 25.27 4.14 25.93
N SER A 481 24.01 4.00 26.35
CA SER A 481 22.98 4.96 25.96
C SER A 481 23.28 6.36 26.54
N ILE A 482 23.20 7.37 25.69
CA ILE A 482 23.52 8.74 26.07
C ILE A 482 22.27 9.53 26.42
#